data_1AC4
#
_entry.id   1AC4
#
_cell.length_a   105.200
_cell.length_b   74.300
_cell.length_c   45.400
_cell.angle_alpha   90.00
_cell.angle_beta   90.00
_cell.angle_gamma   90.00
#
_symmetry.space_group_name_H-M   'P 21 21 21'
#
loop_
_entity.id
_entity.type
_entity.pdbx_description
1 polymer 'CYTOCHROME C PEROXIDASE'
2 non-polymer 'PROTOPORPHYRIN IX CONTAINING FE'
3 non-polymer 2,3,4-TRIMETHYL-1,3-THIAZOLE
4 water water
#
_entity_poly.entity_id   1
_entity_poly.type   'polypeptide(L)'
_entity_poly.pdbx_seq_one_letter_code
;MKTLVHVASVEKGRSYEDFQKVYNAIALKLREDDEYDNYIGYGPVLVRLAWHISGTWDKHDNTGGSYGGTYRFKKEFNDP
SNAGLQNGFKFLEPIHKEFPWISSGDLFSLGGVTAVQEMQGPKIPWRCGRVDTPEDTTPDNGRLPDADKDAGYVRTFFQR
LNMNDREVVALMGAHALGKTHLKNSGYEGPGGAANNVFTNEFYLNLLNEDWKLEKNDANNEQWDSKSGYMMLPTDYSLIQ
DPKYLSIVKEYANDQDKFFKDFSKAFEKLLEDGITFPKDAPSPFIFKTLEEQGL
;
_entity_poly.pdbx_strand_id   A
#
loop_
_chem_comp.id
_chem_comp.type
_chem_comp.name
_chem_comp.formula
HEM non-polymer 'PROTOPORPHYRIN IX CONTAINING FE' 'C34 H32 Fe N4 O4'
TMT non-polymer 2,3,4-TRIMETHYL-1,3-THIAZOLE 'C6 H10 N S 1'
#
# COMPACT_ATOMS: atom_id res chain seq x y z
N LEU A 4 19.56 -14.40 -5.11
CA LEU A 4 18.55 -14.94 -4.22
C LEU A 4 17.34 -15.64 -4.81
N VAL A 5 16.99 -16.76 -4.22
CA VAL A 5 15.66 -17.33 -4.46
C VAL A 5 14.97 -17.21 -3.10
N HIS A 6 13.68 -16.93 -2.97
CA HIS A 6 12.99 -16.88 -1.68
C HIS A 6 11.80 -17.78 -1.88
N VAL A 7 11.84 -18.98 -1.30
CA VAL A 7 10.76 -19.92 -1.59
C VAL A 7 9.67 -19.74 -0.56
N ALA A 8 8.43 -19.68 -0.97
CA ALA A 8 7.34 -19.59 0.01
C ALA A 8 7.19 -20.85 0.87
N SER A 9 7.19 -20.72 2.21
CA SER A 9 6.96 -21.84 3.12
C SER A 9 5.75 -21.67 4.01
N VAL A 10 4.59 -22.30 3.79
CA VAL A 10 3.44 -22.15 4.73
C VAL A 10 3.80 -22.34 6.21
N GLU A 11 3.32 -21.44 7.08
CA GLU A 11 3.52 -21.57 8.52
C GLU A 11 2.97 -22.95 8.95
N LYS A 12 3.87 -23.70 9.60
CA LYS A 12 3.59 -25.10 9.86
C LYS A 12 2.24 -25.46 10.52
N GLY A 13 1.40 -26.09 9.73
CA GLY A 13 0.15 -26.59 10.19
C GLY A 13 -1.03 -25.70 10.03
N ARG A 14 -0.81 -24.50 9.45
CA ARG A 14 -1.87 -23.51 9.33
C ARG A 14 -2.72 -23.58 8.07
N SER A 15 -3.99 -23.39 8.21
CA SER A 15 -4.84 -23.40 7.03
C SER A 15 -5.61 -22.09 6.88
N TYR A 16 -6.49 -22.03 5.88
CA TYR A 16 -7.33 -20.86 5.57
C TYR A 16 -7.95 -20.19 6.79
N GLU A 17 -8.70 -21.00 7.53
CA GLU A 17 -9.34 -20.56 8.76
C GLU A 17 -8.37 -19.97 9.79
N ASP A 18 -7.12 -20.37 9.89
CA ASP A 18 -6.22 -19.67 10.82
C ASP A 18 -6.00 -18.22 10.37
N PHE A 19 -5.73 -18.05 9.05
CA PHE A 19 -5.44 -16.74 8.46
C PHE A 19 -6.66 -15.81 8.52
N GLN A 20 -7.82 -16.36 8.19
CA GLN A 20 -9.09 -15.68 8.37
C GLN A 20 -9.33 -15.18 9.81
N LYS A 21 -8.70 -15.80 10.83
CA LYS A 21 -8.76 -15.32 12.20
C LYS A 21 -7.84 -14.12 12.43
N VAL A 22 -6.67 -14.10 11.78
CA VAL A 22 -5.78 -12.92 11.90
C VAL A 22 -6.45 -11.74 11.19
N TYR A 23 -7.05 -11.97 10.01
CA TYR A 23 -7.76 -10.93 9.27
C TYR A 23 -8.91 -10.38 10.16
N ASN A 24 -9.85 -11.25 10.57
CA ASN A 24 -10.88 -10.83 11.55
C ASN A 24 -10.33 -10.07 12.73
N ALA A 25 -9.18 -10.38 13.31
CA ALA A 25 -8.65 -9.56 14.37
C ALA A 25 -8.14 -8.16 13.96
N ILE A 26 -7.45 -8.03 12.80
CA ILE A 26 -7.07 -6.70 12.24
C ILE A 26 -8.35 -5.88 11.93
N ALA A 27 -9.36 -6.43 11.28
CA ALA A 27 -10.57 -5.72 10.96
C ALA A 27 -11.36 -5.25 12.19
N LEU A 28 -11.43 -6.05 13.30
CA LEU A 28 -12.13 -5.66 14.51
C LEU A 28 -11.37 -4.53 15.16
N LYS A 29 -10.06 -4.56 15.13
CA LYS A 29 -9.34 -3.43 15.72
C LYS A 29 -9.46 -2.17 14.81
N LEU A 30 -9.66 -2.34 13.48
CA LEU A 30 -9.89 -1.15 12.61
C LEU A 30 -11.20 -0.46 12.97
N ARG A 31 -12.22 -1.28 13.21
CA ARG A 31 -13.50 -0.79 13.70
C ARG A 31 -13.46 0.02 15.02
N GLU A 32 -12.67 -0.54 15.91
CA GLU A 32 -12.53 -0.02 17.25
C GLU A 32 -11.68 1.22 17.33
N ASP A 33 -10.50 1.28 16.72
CA ASP A 33 -9.64 2.45 16.87
C ASP A 33 -9.91 3.53 15.80
N ASP A 34 -11.20 3.80 15.59
CA ASP A 34 -11.70 4.70 14.56
C ASP A 34 -11.41 6.21 14.72
N GLU A 35 -10.77 6.59 15.83
CA GLU A 35 -10.48 7.99 16.13
C GLU A 35 -9.15 8.53 15.56
N TYR A 36 -8.21 7.61 15.24
CA TYR A 36 -6.87 7.95 14.74
C TYR A 36 -6.86 8.91 13.52
N ASP A 37 -5.88 9.84 13.63
CA ASP A 37 -5.69 10.87 12.61
C ASP A 37 -7.00 11.61 12.27
N ASN A 38 -7.57 12.35 13.25
CA ASN A 38 -8.85 13.04 13.06
C ASN A 38 -9.97 12.20 12.44
N TYR A 39 -10.14 10.97 12.95
CA TYR A 39 -11.19 10.08 12.49
C TYR A 39 -11.08 9.58 11.06
N ILE A 40 -9.84 9.59 10.57
CA ILE A 40 -9.60 8.84 9.32
C ILE A 40 -9.54 7.30 9.64
N GLY A 41 -9.02 6.92 10.82
CA GLY A 41 -8.86 5.50 11.17
C GLY A 41 -7.53 4.92 10.67
N TYR A 42 -7.06 3.70 11.07
CA TYR A 42 -5.76 3.19 10.63
C TYR A 42 -5.72 2.52 9.27
N GLY A 43 -6.82 2.34 8.56
CA GLY A 43 -6.87 1.78 7.20
C GLY A 43 -5.83 2.34 6.20
N PRO A 44 -5.81 3.67 5.93
CA PRO A 44 -4.76 4.29 5.14
C PRO A 44 -3.33 4.02 5.59
N VAL A 45 -2.88 4.20 6.83
CA VAL A 45 -1.46 3.95 7.10
C VAL A 45 -1.06 2.46 6.95
N LEU A 46 -2.04 1.54 7.06
CA LEU A 46 -1.80 0.10 6.91
C LEU A 46 -1.65 -0.23 5.44
N VAL A 47 -2.47 0.33 4.50
CA VAL A 47 -2.08 0.01 3.10
C VAL A 47 -0.76 0.73 2.72
N ARG A 48 -0.41 1.89 3.25
CA ARG A 48 0.89 2.47 2.96
C ARG A 48 2.03 1.58 3.54
N LEU A 49 1.85 0.92 4.71
CA LEU A 49 2.85 -0.02 5.27
C LEU A 49 3.00 -1.22 4.37
N ALA A 50 1.91 -1.84 3.90
CA ALA A 50 2.02 -2.98 2.99
C ALA A 50 2.76 -2.65 1.66
N TRP A 51 2.63 -1.41 1.09
CA TRP A 51 3.34 -1.03 -0.12
C TRP A 51 4.75 -0.67 0.23
N HIS A 52 5.06 0.06 1.28
CA HIS A 52 6.47 0.32 1.59
C HIS A 52 7.40 -0.89 1.97
N ILE A 53 6.86 -1.97 2.60
CA ILE A 53 7.66 -3.21 2.85
C ILE A 53 7.80 -4.01 1.53
N SER A 54 6.89 -3.84 0.56
CA SER A 54 7.03 -4.43 -0.76
C SER A 54 7.86 -3.66 -1.81
N GLY A 55 7.97 -2.34 -1.63
CA GLY A 55 8.55 -1.45 -2.63
C GLY A 55 10.06 -1.34 -2.64
N THR A 56 10.70 -1.94 -1.66
CA THR A 56 12.15 -1.99 -1.67
C THR A 56 12.63 -3.07 -2.64
N TRP A 57 11.77 -3.86 -3.28
CA TRP A 57 12.22 -4.93 -4.15
C TRP A 57 13.02 -4.49 -5.36
N ASP A 58 14.10 -5.20 -5.66
CA ASP A 58 14.81 -4.98 -6.88
C ASP A 58 14.87 -6.24 -7.72
N LYS A 59 14.24 -6.20 -8.90
CA LYS A 59 14.18 -7.30 -9.86
C LYS A 59 15.53 -7.79 -10.40
N HIS A 60 16.59 -7.00 -10.28
CA HIS A 60 17.89 -7.41 -10.86
C HIS A 60 18.65 -8.48 -10.04
N ASP A 61 18.61 -8.37 -8.71
CA ASP A 61 19.28 -9.34 -7.84
C ASP A 61 18.36 -10.03 -6.83
N ASN A 62 17.04 -9.89 -7.00
CA ASN A 62 16.00 -10.38 -6.06
C ASN A 62 16.07 -9.89 -4.59
N THR A 63 16.77 -8.81 -4.25
CA THR A 63 16.78 -8.31 -2.86
C THR A 63 15.58 -7.41 -2.50
N GLY A 64 15.31 -7.14 -1.21
CA GLY A 64 14.12 -6.40 -0.73
C GLY A 64 12.82 -7.13 -1.02
N GLY A 65 11.68 -6.42 -1.06
CA GLY A 65 10.37 -7.03 -1.30
C GLY A 65 9.68 -7.50 0.02
N SER A 66 8.45 -7.99 0.04
CA SER A 66 7.80 -8.31 1.34
C SER A 66 8.23 -9.58 2.12
N TYR A 67 8.97 -10.47 1.44
CA TYR A 67 9.31 -11.77 1.99
C TYR A 67 9.96 -11.84 3.37
N GLY A 68 11.01 -11.07 3.58
CA GLY A 68 11.83 -11.21 4.76
C GLY A 68 11.31 -10.53 5.97
N GLY A 69 10.21 -9.78 5.85
CA GLY A 69 9.72 -8.97 6.98
C GLY A 69 10.79 -8.07 7.64
N THR A 70 11.80 -7.62 6.91
CA THR A 70 12.88 -6.78 7.46
C THR A 70 12.63 -5.38 8.00
N TYR A 71 11.43 -4.83 7.80
CA TYR A 71 11.05 -3.54 8.40
C TYR A 71 11.15 -3.53 9.94
N ARG A 72 11.04 -4.77 10.48
CA ARG A 72 11.21 -5.04 11.91
C ARG A 72 12.58 -4.60 12.37
N PHE A 73 13.58 -4.59 11.50
CA PHE A 73 14.90 -4.09 11.85
C PHE A 73 15.11 -2.58 11.76
N LYS A 74 15.93 -2.08 12.66
CA LYS A 74 16.20 -0.67 12.89
C LYS A 74 16.48 0.14 11.61
N LYS A 75 17.37 -0.37 10.74
CA LYS A 75 17.76 0.28 9.46
C LYS A 75 16.57 0.63 8.57
N GLU A 76 15.74 -0.34 8.25
CA GLU A 76 14.55 -0.09 7.47
C GLU A 76 13.47 0.68 8.24
N PHE A 77 13.33 0.42 9.55
CA PHE A 77 12.33 1.07 10.39
C PHE A 77 12.48 2.60 10.50
N ASN A 78 13.76 2.97 10.68
CA ASN A 78 14.24 4.34 10.71
C ASN A 78 14.58 5.00 9.36
N ASP A 79 14.36 4.32 8.22
CA ASP A 79 14.47 4.94 6.91
C ASP A 79 13.65 6.27 6.85
N PRO A 80 14.18 7.48 6.54
CA PRO A 80 13.41 8.73 6.35
C PRO A 80 12.16 8.52 5.52
N SER A 81 12.16 7.75 4.44
CA SER A 81 10.92 7.44 3.70
C SER A 81 9.80 6.67 4.40
N ASN A 82 10.15 6.14 5.54
CA ASN A 82 9.16 5.38 6.32
C ASN A 82 8.59 6.14 7.51
N ALA A 83 8.91 7.45 7.65
CA ALA A 83 8.37 8.27 8.76
C ALA A 83 6.85 8.23 8.81
N GLY A 84 6.32 7.98 10.02
CA GLY A 84 4.88 7.83 10.22
C GLY A 84 4.37 6.39 10.17
N LEU A 85 5.05 5.44 9.51
CA LEU A 85 4.60 4.05 9.49
C LEU A 85 4.70 3.33 10.86
N GLN A 86 5.50 3.88 11.79
CA GLN A 86 5.59 3.40 13.17
C GLN A 86 4.24 3.26 13.88
N ASN A 87 3.26 4.07 13.47
CA ASN A 87 1.89 4.01 13.88
C ASN A 87 1.19 2.73 13.39
N GLY A 88 1.47 2.30 12.15
CA GLY A 88 0.86 1.09 11.60
C GLY A 88 1.49 -0.15 12.23
N PHE A 89 2.79 -0.05 12.56
CA PHE A 89 3.52 -1.09 13.27
C PHE A 89 2.91 -1.26 14.64
N LYS A 90 2.84 -0.16 15.41
CA LYS A 90 2.26 -0.23 16.74
C LYS A 90 0.85 -0.80 16.80
N PHE A 91 0.03 -0.56 15.77
CA PHE A 91 -1.29 -1.09 15.73
C PHE A 91 -1.32 -2.62 15.59
N LEU A 92 -0.42 -3.12 14.75
CA LEU A 92 -0.37 -4.54 14.43
C LEU A 92 0.33 -5.38 15.51
N GLU A 93 1.19 -4.76 16.32
CA GLU A 93 1.95 -5.43 17.37
C GLU A 93 1.15 -6.29 18.38
N PRO A 94 0.07 -5.85 19.09
CA PRO A 94 -0.85 -6.69 19.84
C PRO A 94 -1.40 -7.85 19.04
N ILE A 95 -1.59 -7.67 17.75
CA ILE A 95 -2.12 -8.75 16.92
C ILE A 95 -1.06 -9.80 16.69
N HIS A 96 0.22 -9.41 16.56
CA HIS A 96 1.27 -10.40 16.44
C HIS A 96 1.39 -11.15 17.78
N LYS A 97 1.32 -10.52 18.96
CA LYS A 97 1.28 -11.26 20.24
C LYS A 97 0.11 -12.24 20.35
N GLU A 98 -1.04 -11.91 19.78
CA GLU A 98 -2.16 -12.81 19.79
C GLU A 98 -1.97 -13.97 18.83
N PHE A 99 -1.24 -13.79 17.73
CA PHE A 99 -0.99 -14.87 16.77
C PHE A 99 0.51 -15.02 16.50
N PRO A 100 1.33 -15.53 17.47
CA PRO A 100 2.79 -15.52 17.41
C PRO A 100 3.38 -16.37 16.28
N TRP A 101 2.62 -17.29 15.74
CA TRP A 101 3.02 -18.16 14.65
C TRP A 101 3.13 -17.45 13.25
N ILE A 102 2.34 -16.36 12.98
CA ILE A 102 2.38 -15.75 11.64
C ILE A 102 3.71 -15.03 11.40
N SER A 103 4.35 -15.13 10.23
CA SER A 103 5.60 -14.37 9.97
C SER A 103 5.38 -12.84 9.92
N SER A 104 6.40 -12.00 10.12
CA SER A 104 6.25 -10.53 9.95
C SER A 104 5.83 -10.08 8.56
N GLY A 105 6.47 -10.55 7.49
CA GLY A 105 6.07 -10.22 6.12
C GLY A 105 4.63 -10.60 5.82
N ASP A 106 4.23 -11.83 6.19
CA ASP A 106 2.81 -12.20 6.08
C ASP A 106 1.84 -11.29 6.89
N LEU A 107 2.18 -10.89 8.11
CA LEU A 107 1.30 -9.99 8.86
C LEU A 107 1.26 -8.55 8.27
N PHE A 108 2.42 -7.93 8.00
CA PHE A 108 2.51 -6.58 7.36
C PHE A 108 1.74 -6.55 6.04
N SER A 109 1.89 -7.57 5.19
CA SER A 109 1.16 -7.57 3.97
C SER A 109 -0.33 -7.87 4.11
N LEU A 110 -0.76 -8.71 5.05
CA LEU A 110 -2.20 -8.99 5.20
C LEU A 110 -2.91 -7.77 5.84
N GLY A 111 -2.21 -6.99 6.65
CA GLY A 111 -2.72 -5.72 7.17
C GLY A 111 -3.29 -4.79 6.05
N GLY A 112 -2.53 -4.66 4.94
CA GLY A 112 -2.94 -3.96 3.72
C GLY A 112 -4.13 -4.59 3.06
N VAL A 113 -4.15 -5.92 2.80
CA VAL A 113 -5.36 -6.58 2.26
C VAL A 113 -6.63 -6.37 3.08
N THR A 114 -6.48 -6.51 4.41
CA THR A 114 -7.62 -6.34 5.34
C THR A 114 -8.17 -4.89 5.24
N ALA A 115 -7.24 -3.88 5.34
CA ALA A 115 -7.62 -2.48 5.24
C ALA A 115 -8.39 -2.14 3.94
N VAL A 116 -7.91 -2.59 2.77
CA VAL A 116 -8.62 -2.29 1.55
C VAL A 116 -10.00 -2.91 1.53
N GLN A 117 -10.12 -4.18 1.90
CA GLN A 117 -11.42 -4.84 1.84
C GLN A 117 -12.42 -4.29 2.85
N GLU A 118 -11.90 -3.93 4.02
CA GLU A 118 -12.77 -3.37 5.04
C GLU A 118 -13.22 -1.92 4.72
N MET A 119 -12.41 -1.18 3.92
CA MET A 119 -12.75 0.16 3.41
C MET A 119 -13.59 0.08 2.13
N GLN A 120 -14.37 -0.98 1.96
CA GLN A 120 -15.22 -1.23 0.84
C GLN A 120 -14.46 -1.36 -0.51
N GLY A 121 -13.18 -1.71 -0.48
CA GLY A 121 -12.46 -1.95 -1.72
C GLY A 121 -12.82 -3.27 -2.40
N PRO A 122 -12.12 -3.64 -3.49
CA PRO A 122 -12.28 -4.95 -4.10
C PRO A 122 -11.69 -6.05 -3.19
N LYS A 123 -12.10 -7.29 -3.37
CA LYS A 123 -11.37 -8.43 -2.83
C LYS A 123 -9.95 -8.58 -3.41
N ILE A 124 -8.88 -8.60 -2.62
CA ILE A 124 -7.50 -8.84 -3.06
C ILE A 124 -7.11 -10.32 -2.75
N PRO A 125 -6.96 -11.31 -3.63
CA PRO A 125 -6.35 -12.61 -3.31
C PRO A 125 -5.04 -12.49 -2.58
N TRP A 126 -4.88 -13.15 -1.46
CA TRP A 126 -3.60 -13.12 -0.72
C TRP A 126 -2.96 -14.53 -0.54
N ARG A 127 -1.63 -14.63 -0.61
CA ARG A 127 -0.97 -15.92 -0.53
C ARG A 127 -0.14 -15.99 0.70
N CYS A 128 -0.15 -17.01 1.55
CA CYS A 128 0.82 -17.07 2.69
C CYS A 128 2.20 -17.64 2.38
N GLY A 129 3.24 -17.64 3.23
CA GLY A 129 4.49 -18.24 2.83
C GLY A 129 5.70 -17.35 3.03
N ARG A 130 5.58 -16.05 3.36
CA ARG A 130 6.80 -15.26 3.62
C ARG A 130 7.52 -15.80 4.85
N VAL A 131 8.84 -15.80 4.90
CA VAL A 131 9.65 -16.30 6.01
C VAL A 131 10.52 -15.19 6.51
N ASP A 132 10.53 -14.92 7.81
CA ASP A 132 11.42 -13.90 8.34
C ASP A 132 12.87 -14.19 8.06
N THR A 133 13.65 -13.19 7.66
CA THR A 133 15.05 -13.43 7.33
C THR A 133 15.93 -12.56 8.19
N PRO A 134 17.21 -12.87 8.35
CA PRO A 134 18.07 -12.14 9.26
C PRO A 134 18.29 -10.62 9.09
N GLU A 135 18.78 -9.96 10.12
CA GLU A 135 19.02 -8.53 10.07
C GLU A 135 19.97 -8.07 8.96
N ASP A 136 20.89 -8.93 8.48
CA ASP A 136 21.76 -8.54 7.40
C ASP A 136 21.12 -8.72 6.02
N THR A 137 19.90 -9.26 5.89
CA THR A 137 19.22 -9.20 4.60
C THR A 137 18.44 -7.88 4.42
N THR A 138 18.44 -7.03 5.43
CA THR A 138 17.70 -5.77 5.43
C THR A 138 18.16 -4.78 4.33
N PRO A 139 17.33 -4.33 3.36
CA PRO A 139 17.78 -3.47 2.26
C PRO A 139 18.30 -2.11 2.71
N ASP A 140 19.34 -1.58 2.14
CA ASP A 140 19.74 -0.21 2.52
C ASP A 140 18.66 0.85 2.25
N ASN A 141 18.70 1.97 2.95
CA ASN A 141 17.78 3.06 2.69
C ASN A 141 17.93 3.69 1.29
N GLY A 142 16.86 4.28 0.75
CA GLY A 142 16.95 4.95 -0.55
C GLY A 142 16.41 4.17 -1.72
N ARG A 143 15.61 3.12 -1.55
CA ARG A 143 15.01 2.43 -2.68
C ARG A 143 13.55 2.79 -2.90
N LEU A 144 13.01 3.59 -1.99
CA LEU A 144 11.63 4.04 -2.11
C LEU A 144 11.54 5.41 -2.82
N PRO A 145 10.49 5.72 -3.60
CA PRO A 145 10.44 6.86 -4.53
C PRO A 145 10.27 8.26 -3.97
N ASP A 146 10.92 9.27 -4.55
CA ASP A 146 10.66 10.68 -4.25
C ASP A 146 9.33 11.23 -4.78
N ALA A 147 8.74 12.20 -4.07
CA ALA A 147 7.47 12.81 -4.49
C ALA A 147 7.54 14.03 -5.45
N ASP A 148 8.70 14.68 -5.37
CA ASP A 148 9.06 15.89 -6.11
C ASP A 148 9.57 15.68 -7.54
N LYS A 149 8.95 14.85 -8.35
CA LYS A 149 9.54 14.44 -9.61
C LYS A 149 8.46 14.31 -10.65
N ASP A 150 8.81 13.89 -11.85
CA ASP A 150 7.88 13.87 -12.96
C ASP A 150 7.40 12.52 -13.43
N ALA A 151 6.69 12.45 -14.54
CA ALA A 151 6.22 11.15 -15.03
C ALA A 151 7.30 10.18 -15.55
N GLY A 152 8.45 10.74 -15.92
CA GLY A 152 9.53 9.95 -16.47
C GLY A 152 10.23 9.19 -15.36
N TYR A 153 10.47 9.88 -14.24
CA TYR A 153 10.97 9.25 -13.01
C TYR A 153 9.98 8.16 -12.52
N VAL A 154 8.68 8.44 -12.42
CA VAL A 154 7.69 7.46 -11.99
C VAL A 154 7.75 6.13 -12.78
N ARG A 155 7.82 6.25 -14.12
CA ARG A 155 7.86 5.12 -15.04
C ARG A 155 9.15 4.31 -14.90
N THR A 156 10.25 5.03 -14.77
CA THR A 156 11.55 4.42 -14.57
C THR A 156 11.64 3.73 -13.21
N PHE A 157 11.04 4.32 -12.18
CA PHE A 157 11.02 3.74 -10.83
C PHE A 157 10.24 2.43 -10.84
N PHE A 158 9.01 2.48 -11.35
CA PHE A 158 8.20 1.30 -11.28
C PHE A 158 8.61 0.09 -12.14
N GLN A 159 9.55 0.37 -13.05
CA GLN A 159 10.22 -0.64 -13.86
C GLN A 159 11.16 -1.50 -13.00
N ARG A 160 11.78 -0.98 -11.93
CA ARG A 160 12.54 -1.82 -10.99
C ARG A 160 11.69 -2.90 -10.24
N LEU A 161 10.37 -2.76 -10.27
CA LEU A 161 9.42 -3.65 -9.57
C LEU A 161 8.56 -4.33 -10.60
N ASN A 162 9.06 -4.30 -11.84
CA ASN A 162 8.29 -4.46 -13.05
C ASN A 162 6.78 -4.45 -13.17
N MET A 163 6.50 -3.18 -12.83
CA MET A 163 5.16 -2.65 -12.99
C MET A 163 5.03 -1.83 -14.31
N ASN A 164 4.09 -2.09 -15.21
CA ASN A 164 3.97 -1.33 -16.43
C ASN A 164 3.02 -0.13 -16.19
N ASP A 165 2.57 0.58 -17.25
CA ASP A 165 1.80 1.83 -17.07
C ASP A 165 0.47 1.67 -16.40
N ARG A 166 -0.35 0.71 -16.86
CA ARG A 166 -1.66 0.49 -16.28
C ARG A 166 -1.59 0.09 -14.79
N GLU A 167 -0.63 -0.79 -14.43
CA GLU A 167 -0.35 -1.20 -13.05
C GLU A 167 0.02 0.01 -12.20
N VAL A 168 0.88 0.90 -12.73
CA VAL A 168 1.26 2.09 -11.99
C VAL A 168 0.08 3.05 -11.78
N VAL A 169 -0.78 3.21 -12.80
CA VAL A 169 -1.90 4.15 -12.63
C VAL A 169 -2.90 3.56 -11.64
N ALA A 170 -3.28 2.26 -11.78
CA ALA A 170 -4.16 1.58 -10.80
C ALA A 170 -3.60 1.66 -9.35
N LEU A 171 -2.33 1.33 -9.14
CA LEU A 171 -1.75 1.43 -7.82
C LEU A 171 -1.78 2.80 -7.17
N MET A 172 -1.67 3.84 -8.00
CA MET A 172 -1.57 5.21 -7.49
C MET A 172 -2.95 5.67 -7.07
N GLY A 173 -4.01 4.97 -7.52
CA GLY A 173 -5.38 5.22 -7.06
C GLY A 173 -5.61 5.13 -5.55
N ALA A 174 -4.70 4.43 -4.84
CA ALA A 174 -4.73 4.36 -3.37
C ALA A 174 -4.43 5.72 -2.75
N HIS A 175 -3.90 6.72 -3.51
CA HIS A 175 -3.69 8.03 -2.91
C HIS A 175 -4.95 8.87 -2.63
N ALA A 176 -6.12 8.35 -3.01
CA ALA A 176 -7.36 8.89 -2.49
C ALA A 176 -7.54 8.71 -0.98
N LEU A 177 -6.87 7.68 -0.45
CA LEU A 177 -6.96 7.29 0.95
C LEU A 177 -6.08 8.13 1.82
N GLY A 178 -6.49 8.49 3.02
CA GLY A 178 -5.60 9.13 3.96
C GLY A 178 -5.24 10.57 3.64
N LYS A 179 -4.01 10.96 3.91
CA LYS A 179 -3.55 12.31 3.64
C LYS A 179 -2.05 12.40 3.75
N THR A 180 -1.41 13.46 3.27
CA THR A 180 0.00 13.69 3.52
C THR A 180 0.09 14.47 4.83
N HIS A 181 1.19 14.40 5.60
CA HIS A 181 1.34 15.02 6.89
C HIS A 181 2.65 15.79 6.87
N LEU A 182 2.70 17.05 7.31
CA LEU A 182 3.93 17.82 7.17
C LEU A 182 5.18 17.32 7.93
N LYS A 183 4.98 16.88 9.18
CA LYS A 183 6.09 16.32 9.96
C LYS A 183 6.57 14.94 9.41
N ASN A 184 5.77 14.17 8.66
CA ASN A 184 6.29 12.93 8.10
C ASN A 184 7.10 13.16 6.83
N SER A 185 6.45 13.71 5.80
CA SER A 185 7.06 13.88 4.47
C SER A 185 7.36 15.29 3.94
N GLY A 186 7.16 16.40 4.66
CA GLY A 186 7.26 17.75 4.08
C GLY A 186 6.09 18.09 3.13
N TYR A 187 4.96 17.40 3.19
CA TYR A 187 3.79 17.73 2.37
C TYR A 187 2.52 17.78 3.24
N GLU A 188 1.44 18.45 2.88
CA GLU A 188 0.32 18.56 3.78
C GLU A 188 -1.01 18.62 3.10
N GLY A 189 -1.93 17.77 3.50
CA GLY A 189 -3.29 17.83 3.01
C GLY A 189 -3.85 16.55 2.51
N PRO A 190 -5.16 16.47 2.42
CA PRO A 190 -5.86 15.35 1.82
C PRO A 190 -5.98 15.34 0.31
N GLY A 191 -6.43 14.26 -0.32
CA GLY A 191 -6.54 14.16 -1.77
C GLY A 191 -7.96 14.19 -2.29
N GLY A 192 -8.91 14.27 -1.36
CA GLY A 192 -10.32 14.26 -1.71
C GLY A 192 -11.21 14.28 -0.46
N ALA A 193 -12.49 14.05 -0.62
CA ALA A 193 -13.45 14.04 0.48
C ALA A 193 -13.59 12.70 1.24
N ALA A 194 -13.77 11.60 0.48
CA ALA A 194 -13.93 10.24 1.00
C ALA A 194 -12.56 9.57 1.19
N ASN A 195 -11.78 10.03 2.17
CA ASN A 195 -10.46 9.45 2.33
C ASN A 195 -10.25 8.23 3.27
N ASN A 196 -11.33 7.50 3.56
CA ASN A 196 -11.24 6.21 4.27
C ASN A 196 -12.29 5.20 3.83
N VAL A 197 -12.70 5.42 2.59
CA VAL A 197 -13.56 4.55 1.81
C VAL A 197 -12.77 4.41 0.49
N PHE A 198 -12.75 3.25 -0.14
CA PHE A 198 -11.94 3.05 -1.32
C PHE A 198 -12.81 3.36 -2.54
N THR A 199 -12.53 4.40 -3.32
CA THR A 199 -13.34 4.65 -4.54
C THR A 199 -12.47 5.12 -5.71
N ASN A 200 -12.97 5.53 -6.88
CA ASN A 200 -12.10 6.13 -7.95
C ASN A 200 -11.86 7.64 -7.89
N GLU A 201 -12.14 8.19 -6.71
CA GLU A 201 -12.10 9.60 -6.44
C GLU A 201 -10.78 10.24 -6.79
N PHE A 202 -9.59 9.61 -6.63
CA PHE A 202 -8.31 10.23 -7.02
C PHE A 202 -8.26 10.69 -8.51
N TYR A 203 -8.84 9.90 -9.38
CA TYR A 203 -8.84 10.13 -10.81
C TYR A 203 -9.81 11.27 -11.10
N LEU A 204 -11.07 11.18 -10.65
CA LEU A 204 -12.06 12.25 -10.79
C LEU A 204 -11.50 13.58 -10.24
N ASN A 205 -10.92 13.67 -9.05
CA ASN A 205 -10.31 14.91 -8.61
C ASN A 205 -9.17 15.41 -9.48
N LEU A 206 -8.37 14.50 -10.00
CA LEU A 206 -7.26 14.91 -10.83
C LEU A 206 -7.84 15.47 -12.17
N LEU A 207 -8.91 14.95 -12.74
CA LEU A 207 -9.50 15.50 -13.94
C LEU A 207 -10.44 16.70 -13.69
N ASN A 208 -11.09 16.86 -12.53
CA ASN A 208 -12.05 17.92 -12.37
C ASN A 208 -11.68 19.06 -11.47
N GLU A 209 -10.63 19.04 -10.70
CA GLU A 209 -10.31 20.18 -9.90
C GLU A 209 -9.39 21.16 -10.64
N ASP A 210 -9.47 22.40 -10.21
CA ASP A 210 -8.68 23.49 -10.71
C ASP A 210 -7.43 23.56 -9.84
N TRP A 211 -6.41 22.81 -10.20
CA TRP A 211 -5.18 22.70 -9.39
C TRP A 211 -4.21 23.89 -9.54
N LYS A 212 -3.67 24.39 -8.46
CA LYS A 212 -2.76 25.49 -8.49
C LYS A 212 -1.43 25.14 -7.83
N LEU A 213 -0.30 25.31 -8.52
CA LEU A 213 0.97 25.03 -7.91
C LEU A 213 1.36 26.01 -6.82
N GLU A 214 1.57 25.54 -5.58
CA GLU A 214 2.03 26.40 -4.51
C GLU A 214 3.13 25.80 -3.67
N LYS A 215 3.92 26.59 -3.00
CA LYS A 215 4.85 26.07 -2.02
C LYS A 215 4.11 25.93 -0.67
N ASN A 216 4.43 24.87 0.09
CA ASN A 216 3.81 24.68 1.40
C ASN A 216 4.73 25.18 2.52
N ASP A 217 4.36 25.04 3.80
CA ASP A 217 5.27 25.39 4.90
C ASP A 217 6.61 24.68 5.02
N ALA A 218 6.80 23.55 4.35
CA ALA A 218 8.09 22.86 4.32
C ALA A 218 9.05 23.36 3.24
N ASN A 219 8.59 24.23 2.32
CA ASN A 219 9.27 24.74 1.10
C ASN A 219 9.22 23.78 -0.07
N ASN A 220 8.26 22.87 -0.06
CA ASN A 220 8.12 21.95 -1.16
C ASN A 220 6.92 22.38 -1.96
N GLU A 221 6.95 22.04 -3.22
CA GLU A 221 5.79 22.33 -4.03
C GLU A 221 4.76 21.23 -4.02
N GLN A 222 3.50 21.66 -4.10
CA GLN A 222 2.39 20.76 -4.36
C GLN A 222 1.28 21.48 -5.09
N TRP A 223 0.43 20.68 -5.67
CA TRP A 223 -0.72 21.17 -6.37
C TRP A 223 -1.95 21.25 -5.47
N ASP A 224 -2.40 22.47 -5.14
CA ASP A 224 -3.58 22.71 -4.31
C ASP A 224 -4.88 23.06 -5.03
N SER A 225 -6.04 22.68 -4.55
CA SER A 225 -7.25 23.10 -5.21
C SER A 225 -8.11 23.94 -4.29
N LYS A 226 -9.06 24.67 -4.89
CA LYS A 226 -10.04 25.50 -4.19
C LYS A 226 -10.76 24.75 -3.07
N SER A 227 -11.15 23.52 -3.42
CA SER A 227 -11.80 22.59 -2.53
C SER A 227 -11.06 22.20 -1.29
N GLY A 228 -9.80 22.49 -1.09
CA GLY A 228 -9.14 22.03 0.12
C GLY A 228 -8.28 20.75 -0.05
N TYR A 229 -8.21 20.23 -1.27
CA TYR A 229 -7.38 19.07 -1.64
C TYR A 229 -5.98 19.36 -2.17
N MET A 230 -5.08 18.39 -2.13
CA MET A 230 -3.74 18.49 -2.67
C MET A 230 -3.38 17.25 -3.46
N MET A 231 -2.44 17.43 -4.36
CA MET A 231 -1.85 16.40 -5.17
C MET A 231 -0.35 16.59 -5.15
N LEU A 232 0.38 15.48 -5.08
CA LEU A 232 1.86 15.55 -5.14
C LEU A 232 2.35 15.81 -6.59
N PRO A 233 3.55 16.34 -6.87
CA PRO A 233 4.12 16.46 -8.24
C PRO A 233 4.04 15.13 -9.02
N THR A 234 4.45 14.02 -8.34
CA THR A 234 4.32 12.67 -8.94
C THR A 234 2.90 12.29 -9.19
N ASP A 235 1.92 12.70 -8.38
CA ASP A 235 0.52 12.43 -8.73
C ASP A 235 -0.01 13.23 -9.95
N TYR A 236 0.42 14.50 -9.95
CA TYR A 236 0.00 15.44 -10.99
C TYR A 236 0.61 15.01 -12.36
N SER A 237 1.81 14.43 -12.34
CA SER A 237 2.45 13.74 -13.47
C SER A 237 1.57 12.84 -14.29
N LEU A 238 0.60 12.18 -13.66
CA LEU A 238 -0.26 11.27 -14.39
C LEU A 238 -1.20 11.92 -15.40
N ILE A 239 -1.39 13.24 -15.28
CA ILE A 239 -2.17 13.93 -16.35
C ILE A 239 -1.29 14.74 -17.31
N GLN A 240 0.00 14.85 -17.00
CA GLN A 240 1.01 15.44 -17.88
C GLN A 240 1.59 14.44 -18.86
N ASP A 241 1.47 13.14 -18.60
CA ASP A 241 1.97 12.15 -19.55
C ASP A 241 0.85 11.61 -20.40
N PRO A 242 0.88 11.53 -21.73
CA PRO A 242 -0.28 11.11 -22.54
C PRO A 242 -0.73 9.67 -22.38
N LYS A 243 0.27 8.78 -22.13
CA LYS A 243 -0.06 7.36 -21.88
C LYS A 243 -0.80 7.18 -20.53
N TYR A 244 -0.25 7.77 -19.47
CA TYR A 244 -0.86 7.75 -18.13
C TYR A 244 -2.26 8.43 -18.13
N LEU A 245 -2.38 9.55 -18.85
CA LEU A 245 -3.65 10.28 -18.93
C LEU A 245 -4.78 9.49 -19.55
N SER A 246 -4.58 8.67 -20.57
CA SER A 246 -5.73 7.86 -21.06
C SER A 246 -6.25 6.81 -20.05
N ILE A 247 -5.31 6.35 -19.21
CA ILE A 247 -5.65 5.36 -18.18
C ILE A 247 -6.41 6.06 -17.04
N VAL A 248 -5.91 7.20 -16.54
CA VAL A 248 -6.63 8.01 -15.54
C VAL A 248 -8.09 8.25 -15.95
N LYS A 249 -8.35 8.56 -17.24
CA LYS A 249 -9.71 8.82 -17.74
C LYS A 249 -10.63 7.63 -17.73
N GLU A 250 -9.99 6.48 -17.98
CA GLU A 250 -10.67 5.17 -17.99
C GLU A 250 -11.19 4.78 -16.60
N TYR A 251 -10.34 5.00 -15.60
CA TYR A 251 -10.71 4.69 -14.21
C TYR A 251 -11.73 5.67 -13.62
N ALA A 252 -11.60 6.96 -14.02
CA ALA A 252 -12.56 8.02 -13.67
C ALA A 252 -13.92 7.69 -14.27
N ASN A 253 -13.99 7.10 -15.44
CA ASN A 253 -15.29 6.69 -15.98
C ASN A 253 -15.79 5.31 -15.58
N ASP A 254 -14.92 4.53 -14.90
CA ASP A 254 -15.28 3.17 -14.57
C ASP A 254 -14.53 2.64 -13.33
N GLN A 255 -15.18 2.85 -12.16
CA GLN A 255 -14.68 2.35 -10.89
C GLN A 255 -14.50 0.80 -10.86
N ASP A 256 -15.38 0.00 -11.48
CA ASP A 256 -15.18 -1.45 -11.52
C ASP A 256 -13.92 -1.91 -12.22
N LYS A 257 -13.64 -1.31 -13.38
CA LYS A 257 -12.39 -1.56 -14.08
C LYS A 257 -11.24 -1.14 -13.18
N PHE A 258 -11.33 0.01 -12.50
CA PHE A 258 -10.30 0.38 -11.53
C PHE A 258 -10.12 -0.70 -10.41
N PHE A 259 -11.22 -1.18 -9.81
CA PHE A 259 -11.15 -2.25 -8.77
C PHE A 259 -10.48 -3.56 -9.22
N LYS A 260 -10.88 -4.02 -10.38
CA LYS A 260 -10.31 -5.18 -11.00
C LYS A 260 -8.81 -5.03 -11.31
N ASP A 261 -8.38 -3.88 -11.81
CA ASP A 261 -6.97 -3.70 -12.10
C ASP A 261 -6.15 -3.40 -10.87
N PHE A 262 -6.69 -2.64 -9.88
CA PHE A 262 -5.98 -2.42 -8.59
C PHE A 262 -5.75 -3.77 -7.83
N SER A 263 -6.77 -4.63 -7.84
CA SER A 263 -6.71 -5.94 -7.20
C SER A 263 -5.51 -6.76 -7.72
N LYS A 264 -5.51 -7.03 -9.05
CA LYS A 264 -4.39 -7.64 -9.75
C LYS A 264 -3.07 -6.97 -9.50
N ALA A 265 -2.99 -5.63 -9.56
CA ALA A 265 -1.65 -5.06 -9.36
C ALA A 265 -1.10 -5.01 -7.93
N PHE A 266 -2.00 -4.89 -6.95
CA PHE A 266 -1.60 -4.81 -5.55
C PHE A 266 -1.05 -6.19 -5.02
N GLU A 267 -1.75 -7.25 -5.44
CA GLU A 267 -1.32 -8.63 -5.25
C GLU A 267 0.03 -8.84 -5.92
N LYS A 268 0.20 -8.45 -7.20
CA LYS A 268 1.52 -8.56 -7.79
C LYS A 268 2.63 -7.85 -7.04
N LEU A 269 2.30 -6.65 -6.52
CA LEU A 269 3.27 -5.87 -5.75
C LEU A 269 3.69 -6.57 -4.43
N LEU A 270 2.69 -7.18 -3.75
CA LEU A 270 2.93 -7.93 -2.48
C LEU A 270 3.65 -9.30 -2.64
N GLU A 271 3.53 -9.90 -3.82
CA GLU A 271 4.22 -11.17 -4.15
C GLU A 271 5.49 -11.07 -4.98
N ASP A 272 5.98 -9.85 -5.36
CA ASP A 272 7.26 -9.78 -6.05
C ASP A 272 8.46 -10.30 -5.28
N GLY A 273 9.35 -11.03 -5.96
CA GLY A 273 10.51 -11.64 -5.33
C GLY A 273 10.24 -13.00 -4.64
N ILE A 274 9.03 -13.54 -4.69
CA ILE A 274 8.70 -14.78 -3.99
C ILE A 274 8.33 -15.89 -4.95
N THR A 275 9.03 -17.02 -4.84
CA THR A 275 8.63 -18.19 -5.64
C THR A 275 7.58 -19.08 -4.96
N PHE A 276 6.44 -19.43 -5.53
CA PHE A 276 5.45 -20.30 -4.90
C PHE A 276 5.53 -21.71 -5.46
N PRO A 277 5.84 -22.76 -4.68
CA PRO A 277 5.98 -24.14 -5.21
C PRO A 277 4.63 -24.62 -5.68
N LYS A 278 4.31 -25.50 -6.67
CA LYS A 278 2.85 -25.69 -6.86
C LYS A 278 2.15 -26.64 -5.89
N ASP A 279 2.89 -27.14 -4.92
CA ASP A 279 2.24 -27.82 -3.82
C ASP A 279 1.56 -26.78 -2.91
N ALA A 280 2.04 -25.51 -2.95
CA ALA A 280 1.48 -24.43 -2.13
C ALA A 280 -0.02 -24.20 -2.26
N PRO A 281 -0.76 -23.81 -1.21
CA PRO A 281 -2.17 -23.46 -1.33
C PRO A 281 -2.44 -22.37 -2.38
N SER A 282 -3.56 -22.46 -3.11
CA SER A 282 -4.08 -21.39 -3.97
C SER A 282 -4.22 -20.10 -3.19
N PRO A 283 -4.15 -18.88 -3.74
CA PRO A 283 -4.42 -17.65 -2.94
C PRO A 283 -5.78 -17.66 -2.22
N PHE A 284 -5.75 -17.26 -0.97
CA PHE A 284 -6.99 -17.19 -0.20
C PHE A 284 -7.88 -15.96 -0.49
N ILE A 285 -9.21 -16.07 -0.62
CA ILE A 285 -10.07 -14.87 -0.70
C ILE A 285 -10.70 -14.63 0.68
N PHE A 286 -10.26 -13.74 1.56
CA PHE A 286 -10.95 -13.63 2.85
C PHE A 286 -12.29 -12.93 2.87
N LYS A 287 -13.20 -13.47 3.66
CA LYS A 287 -14.45 -12.78 3.96
C LYS A 287 -14.28 -11.58 4.86
N THR A 288 -15.10 -10.56 4.55
CA THR A 288 -15.13 -9.36 5.39
C THR A 288 -15.93 -9.62 6.69
N LEU A 289 -15.78 -8.84 7.79
CA LEU A 289 -16.66 -8.96 8.97
C LEU A 289 -18.16 -9.05 8.69
N GLU A 290 -18.51 -8.14 7.77
CA GLU A 290 -19.88 -8.00 7.31
C GLU A 290 -20.43 -9.26 6.66
N GLU A 291 -19.57 -9.88 5.88
CA GLU A 291 -19.94 -11.13 5.23
C GLU A 291 -20.16 -12.27 6.26
N GLN A 292 -19.38 -12.22 7.34
CA GLN A 292 -19.41 -13.20 8.41
C GLN A 292 -20.42 -12.84 9.52
N GLY A 293 -21.06 -11.68 9.46
CA GLY A 293 -22.00 -11.25 10.51
C GLY A 293 -21.28 -10.83 11.78
N LEU A 294 -20.05 -10.39 11.71
CA LEU A 294 -19.30 -9.96 12.87
C LEU A 294 -19.08 -8.45 13.02
CHA HEM B . 0.94 8.68 1.44
CHB HEM B . 4.44 9.27 -1.81
CHC HEM B . 2.96 5.38 -4.17
CHD HEM B . -0.18 4.58 -0.69
C1A HEM B . 2.05 9.23 0.76
C2A HEM B . 2.77 10.30 1.20
C3A HEM B . 3.78 10.50 0.27
C4A HEM B . 3.63 9.51 -0.67
CMA HEM B . 4.87 11.59 0.34
CAA HEM B . 2.48 11.07 2.49
CBA HEM B . 3.14 10.47 3.73
CGA HEM B . 2.87 11.23 5.04
O1A HEM B . 3.22 12.40 5.18
O2A HEM B . 2.32 10.64 5.97
C1B HEM B . 4.31 8.32 -2.82
C2B HEM B . 5.09 8.26 -3.97
C3B HEM B . 4.60 7.17 -4.68
C4B HEM B . 3.62 6.59 -3.89
CMB HEM B . 6.22 9.26 -4.28
CAB HEM B . 4.89 6.66 -5.95
CBB HEM B . 5.71 7.27 -6.96
C1C HEM B . 1.97 4.76 -3.40
C2C HEM B . 1.38 3.53 -3.72
C3C HEM B . 0.51 3.30 -2.65
C4C HEM B . 0.59 4.40 -1.82
CMC HEM B . 1.78 2.63 -4.91
CAC HEM B . -0.36 2.23 -2.39
CBC HEM B . -0.67 1.13 -3.25
C1D HEM B . -0.20 5.61 0.20
C2D HEM B . -1.19 5.79 1.15
C3D HEM B . -0.93 7.02 1.76
C4D HEM B . 0.25 7.49 1.15
CMD HEM B . -2.40 4.92 1.39
CAD HEM B . -1.77 7.65 2.88
CBD HEM B . -1.11 7.40 4.25
CGD HEM B . -1.72 8.04 5.50
O1D HEM B . -1.07 8.07 6.54
O2D HEM B . -2.85 8.52 5.46
NA HEM B . 2.56 8.76 -0.39
NB HEM B . 3.36 7.36 -2.83
NC HEM B . 1.47 5.29 -2.27
ND HEM B . 0.66 6.63 0.20
FE HEM B . 1.97 7.02 -1.35
S1 TMT C . -0.37 11.01 -1.05
C2 TMT C . -1.78 11.20 -0.10
N3 TMT C . -2.75 11.82 -0.79
C4 TMT C . -2.41 12.16 -2.10
C5 TMT C . -1.13 11.78 -2.40
C6 TMT C . -1.89 10.73 1.32
C7 TMT C . -4.08 12.12 -0.23
C8 TMT C . -3.38 12.86 -3.01
#